data_2HIX
#
_entry.id   2HIX
#
_cell.length_a   119.324
_cell.length_b   171.650
_cell.length_c   78.686
_cell.angle_alpha   90.000
_cell.angle_beta   90.000
_cell.angle_gamma   90.000
#
_symmetry.space_group_name_H-M   'C 2 2 21'
#
loop_
_entity.id
_entity.type
_entity.pdbx_description
1 polymer 'Thermostable DNA ligase'
2 non-polymer "ADENOSINE-5'-TRIPHOSPHATE"
3 water water
#
_entity_poly.entity_id   1
_entity_poly.type   'polypeptide(L)'
_entity_poly.pdbx_seq_one_letter_code
;MGSSHHHHHHSSGLVPRGSHMEFKVIAEYFDKLEKISSRLQLTALLADLLSKSDKTIIDKVVYIIQGKLWPDFLGYPELG
IGEKFLIKAISIATNTDENSVENLYKTIGDLGEVARRLKSKQQSTGILGFLGTTSKESLTVDEVYSTLSKVALTTGEGSR
DLKIRLLAGLLKKADPLEAKFLVRFVEGRLRVGIGDATVLDAMAIAFGGGQSASEIIERAYNLRADLGNIAKIIVEKGIE
ALKTLKPQVGIPIRPMLAERLSNPEEILKKMGGNAIVDYKYDGERAQIHKKEDKIFIFSRRLENITSQYPDVVDYVSKYI
EGKEFIIEGEIVAIDPESGEMRPFQELMHRKRKSDIYEAIKEYPVNVFLFDLMYYEDVDYTTKPLEARRKLLESIVKPND
YVKIAHHIQANNVEDLKSFFYRAISEGGEGVMVKAIGKDAIYQAGARGWLWIKLKRDYQSEMADTVDLVVVGGFYGKGKR
GGKISSLLMAAYNPKTDSFESVCKVASGFSDEQLDELQKKLMEIKRDVKHPRVNSKMEPDIWVEPVYVAEIIGSEITISP
LHTCCQDVVEKDAGLSIRFPRFIRWRDDKSPEDATTTDEILEMYNKQPKKKIESPAVDESV
;
_entity_poly.pdbx_strand_id   A
#
# COMPACT_ATOMS: atom_id res chain seq x y z
N MET A 21 12.94 35.15 -18.80
CA MET A 21 11.89 34.32 -19.45
C MET A 21 10.51 34.84 -19.15
N GLU A 22 9.67 34.91 -20.17
CA GLU A 22 8.34 35.53 -20.05
C GLU A 22 7.20 34.51 -19.96
N PHE A 23 6.23 34.80 -19.09
CA PHE A 23 5.09 33.91 -18.88
C PHE A 23 4.30 33.66 -20.15
N LYS A 24 4.39 34.60 -21.09
CA LYS A 24 3.70 34.52 -22.37
C LYS A 24 3.82 33.12 -22.97
N VAL A 25 5.02 32.57 -22.99
CA VAL A 25 5.27 31.28 -23.63
C VAL A 25 4.49 30.16 -22.96
N ILE A 26 4.40 30.21 -21.63
CA ILE A 26 3.67 29.19 -20.88
C ILE A 26 2.18 29.27 -21.19
N ALA A 27 1.67 30.50 -21.33
CA ALA A 27 0.27 30.71 -21.71
C ALA A 27 -0.02 30.13 -23.09
N GLU A 28 0.95 30.28 -24.01
CA GLU A 28 0.87 29.71 -25.36
C GLU A 28 0.82 28.19 -25.27
N TYR A 29 1.66 27.60 -24.42
CA TYR A 29 1.69 26.14 -24.19
C TYR A 29 0.34 25.61 -23.79
N PHE A 30 -0.28 26.23 -22.77
CA PHE A 30 -1.58 25.77 -22.27
C PHE A 30 -2.67 25.90 -23.32
N ASP A 31 -2.63 27.01 -24.06
CA ASP A 31 -3.65 27.27 -25.06
C ASP A 31 -3.58 26.27 -26.20
N LYS A 32 -2.37 25.88 -26.59
CA LYS A 32 -2.24 24.98 -27.73
C LYS A 32 -2.53 23.55 -27.32
N LEU A 33 -2.21 23.24 -26.07
CA LEU A 33 -2.48 21.93 -25.47
C LEU A 33 -3.97 21.61 -25.53
N GLU A 34 -4.76 22.67 -25.54
CA GLU A 34 -6.20 22.57 -25.61
C GLU A 34 -6.61 22.15 -27.02
N LYS A 35 -5.76 22.46 -28.00
CA LYS A 35 -6.14 22.28 -29.42
C LYS A 35 -5.67 20.97 -30.03
N ILE A 36 -4.52 20.47 -29.59
CA ILE A 36 -3.85 19.36 -30.24
C ILE A 36 -4.37 17.99 -29.80
N SER A 37 -4.17 16.97 -30.62
CA SER A 37 -4.60 15.60 -30.29
C SER A 37 -3.50 14.55 -30.34
N SER A 38 -2.35 14.90 -30.92
CA SER A 38 -1.27 13.94 -31.16
C SER A 38 -0.22 13.85 -30.05
N ARG A 39 0.01 12.63 -29.53
CA ARG A 39 1.05 12.41 -28.50
C ARG A 39 2.40 12.91 -29.01
N LEU A 40 2.60 12.74 -30.31
CA LEU A 40 3.80 13.24 -30.99
C LEU A 40 3.91 14.75 -30.80
N GLN A 41 2.92 15.50 -31.30
CA GLN A 41 2.87 16.95 -31.10
C GLN A 41 3.02 17.40 -29.64
N LEU A 42 2.50 16.61 -28.69
CA LEU A 42 2.62 16.96 -27.29
C LEU A 42 4.09 16.93 -26.90
N THR A 43 4.76 15.83 -27.24
CA THR A 43 6.18 15.67 -26.92
C THR A 43 6.98 16.84 -27.49
N ALA A 44 6.75 17.17 -28.77
CA ALA A 44 7.42 18.29 -29.42
C ALA A 44 7.17 19.61 -28.70
N LEU A 45 5.93 19.84 -28.30
CA LEU A 45 5.50 21.08 -27.65
C LEU A 45 6.22 21.32 -26.31
N LEU A 46 6.27 20.28 -25.49
CA LEU A 46 6.91 20.34 -24.20
C LEU A 46 8.44 20.45 -24.33
N ALA A 47 9.01 19.61 -25.19
CA ALA A 47 10.46 19.56 -25.37
C ALA A 47 10.96 20.90 -25.83
N ASP A 48 10.16 21.53 -26.68
CA ASP A 48 10.51 22.85 -27.19
C ASP A 48 10.45 23.82 -26.02
N LEU A 49 9.27 23.92 -25.42
CA LEU A 49 9.05 24.77 -24.25
C LEU A 49 10.18 24.61 -23.23
N LEU A 50 10.51 23.37 -22.90
CA LEU A 50 11.57 23.12 -21.92
C LEU A 50 12.92 23.67 -22.38
N SER A 51 13.31 23.36 -23.62
CA SER A 51 14.65 23.72 -24.07
C SER A 51 14.81 25.24 -24.19
N LYS A 52 13.72 25.92 -24.54
CA LYS A 52 13.68 27.38 -24.60
C LYS A 52 13.39 27.99 -23.23
N SER A 53 13.31 27.16 -22.20
CA SER A 53 13.13 27.63 -20.82
C SER A 53 14.43 28.21 -20.32
N ASP A 54 14.42 28.71 -19.09
CA ASP A 54 15.61 29.30 -18.49
C ASP A 54 16.18 28.30 -17.50
N LYS A 55 17.40 27.88 -17.77
CA LYS A 55 18.12 26.90 -16.96
C LYS A 55 18.08 27.23 -15.47
N THR A 56 18.04 28.51 -15.17
CA THR A 56 18.01 28.99 -13.79
C THR A 56 16.78 28.48 -13.06
N ILE A 57 15.64 28.45 -13.76
CA ILE A 57 14.33 28.18 -13.17
C ILE A 57 13.52 27.04 -13.81
N ILE A 58 14.23 26.05 -14.36
CA ILE A 58 13.59 24.85 -14.89
C ILE A 58 12.76 24.14 -13.81
N ASP A 59 13.27 24.13 -12.58
CA ASP A 59 12.62 23.45 -11.45
C ASP A 59 11.27 24.04 -11.08
N LYS A 60 11.01 25.29 -11.47
CA LYS A 60 9.67 25.84 -11.34
C LYS A 60 8.85 25.49 -12.56
N VAL A 61 9.45 25.68 -13.73
CA VAL A 61 8.78 25.43 -15.02
C VAL A 61 8.11 24.06 -15.02
N VAL A 62 8.83 23.03 -14.58
CA VAL A 62 8.36 21.66 -14.67
C VAL A 62 7.05 21.39 -13.90
N TYR A 63 6.73 22.22 -12.92
CA TYR A 63 5.49 22.01 -12.19
C TYR A 63 4.36 22.91 -12.68
N ILE A 64 4.69 24.12 -13.10
CA ILE A 64 3.70 25.03 -13.66
C ILE A 64 3.02 24.41 -14.89
N ILE A 65 3.84 23.82 -15.77
CA ILE A 65 3.32 23.18 -16.98
C ILE A 65 2.40 21.99 -16.67
N GLN A 66 2.35 21.64 -15.39
CA GLN A 66 1.40 20.66 -14.88
C GLN A 66 0.20 21.34 -14.23
N GLY A 67 0.42 22.54 -13.70
CA GLY A 67 -0.61 23.28 -12.97
C GLY A 67 -0.37 23.28 -11.47
N LYS A 68 0.88 23.01 -11.09
CA LYS A 68 1.31 23.01 -9.71
C LYS A 68 2.45 24.01 -9.54
N LEU A 69 2.89 24.20 -8.30
CA LEU A 69 4.02 25.09 -8.03
C LEU A 69 5.16 24.33 -7.39
N TRP A 70 4.87 23.12 -6.93
CA TRP A 70 5.79 22.29 -6.15
C TRP A 70 5.24 20.87 -6.06
N PRO A 71 6.13 19.87 -5.81
CA PRO A 71 5.64 18.49 -5.72
C PRO A 71 4.80 18.25 -4.47
N ASP A 72 3.92 17.26 -4.54
CA ASP A 72 3.03 16.92 -3.45
C ASP A 72 3.75 16.62 -2.14
N PHE A 73 4.93 16.02 -2.22
CA PHE A 73 5.56 15.50 -1.00
C PHE A 73 5.96 16.59 -0.01
N LEU A 74 6.07 17.83 -0.48
CA LEU A 74 6.51 18.91 0.39
C LEU A 74 5.44 19.24 1.42
N GLY A 75 4.19 19.06 1.02
CA GLY A 75 3.07 19.23 1.93
C GLY A 75 2.56 20.66 2.02
N TYR A 76 2.99 21.51 1.10
CA TYR A 76 2.49 22.88 1.06
C TYR A 76 1.03 22.87 0.60
N PRO A 77 0.29 23.97 0.83
CA PRO A 77 -1.13 24.02 0.45
C PRO A 77 -1.39 24.04 -1.04
N GLU A 78 -2.52 23.45 -1.46
CA GLU A 78 -2.98 23.58 -2.84
C GLU A 78 -3.43 25.03 -3.10
N LEU A 79 -2.97 25.58 -4.22
CA LEU A 79 -3.38 26.93 -4.60
C LEU A 79 -4.88 26.93 -4.79
N GLY A 80 -5.55 27.79 -4.04
CA GLY A 80 -6.98 27.91 -4.11
C GLY A 80 -7.50 29.24 -3.59
N ILE A 81 -8.48 29.78 -4.29
CA ILE A 81 -9.21 30.94 -3.79
C ILE A 81 -10.70 30.72 -4.07
N GLY A 82 -11.53 31.21 -3.16
CA GLY A 82 -12.98 31.21 -3.36
C GLY A 82 -13.35 31.79 -4.71
N GLU A 83 -14.39 31.24 -5.32
CA GLU A 83 -14.87 31.71 -6.61
C GLU A 83 -15.38 33.17 -6.52
N LYS A 84 -16.10 33.49 -5.46
CA LYS A 84 -16.57 34.86 -5.21
C LYS A 84 -15.41 35.87 -5.14
N PHE A 85 -14.25 35.39 -4.69
CA PHE A 85 -13.07 36.22 -4.52
C PHE A 85 -12.24 36.38 -5.79
N LEU A 86 -12.32 35.42 -6.71
CA LEU A 86 -11.73 35.59 -8.04
C LEU A 86 -12.48 36.67 -8.84
N ILE A 87 -13.80 36.67 -8.71
CA ILE A 87 -14.65 37.60 -9.44
C ILE A 87 -14.31 39.06 -9.09
N LYS A 88 -13.98 39.30 -7.82
CA LYS A 88 -13.53 40.63 -7.38
C LYS A 88 -12.12 40.90 -7.90
N ALA A 89 -11.25 39.90 -7.84
CA ALA A 89 -9.88 40.00 -8.35
C ALA A 89 -9.84 40.38 -9.84
N ILE A 90 -10.69 39.72 -10.64
CA ILE A 90 -10.85 40.07 -12.05
C ILE A 90 -11.44 41.48 -12.16
N SER A 91 -12.48 41.75 -11.39
CA SER A 91 -13.17 43.04 -11.45
C SER A 91 -12.21 44.21 -11.20
N ILE A 92 -11.31 44.01 -10.22
CA ILE A 92 -10.28 45.00 -9.89
C ILE A 92 -9.27 45.14 -11.04
N ALA A 93 -8.78 44.02 -11.54
CA ALA A 93 -7.77 44.01 -12.60
C ALA A 93 -8.24 44.60 -13.93
N THR A 94 -9.54 44.81 -14.07
CA THR A 94 -10.13 45.20 -15.35
C THR A 94 -10.92 46.51 -15.25
N ASN A 95 -11.10 46.99 -14.02
CA ASN A 95 -12.01 48.11 -13.72
C ASN A 95 -13.43 47.83 -14.23
N THR A 96 -14.12 46.93 -13.52
CA THR A 96 -15.44 46.45 -13.90
C THR A 96 -16.13 45.99 -12.61
N ASP A 97 -17.25 46.60 -12.25
CA ASP A 97 -18.00 46.16 -11.06
C ASP A 97 -18.30 44.64 -11.10
N GLU A 98 -18.21 44.00 -9.93
CA GLU A 98 -18.42 42.54 -9.81
C GLU A 98 -19.78 42.08 -10.34
N ASN A 99 -20.74 43.00 -10.33
CA ASN A 99 -22.08 42.75 -10.86
C ASN A 99 -22.03 42.27 -12.31
N SER A 100 -21.50 43.11 -13.20
CA SER A 100 -21.38 42.75 -14.61
C SER A 100 -20.35 41.66 -14.86
N VAL A 101 -19.37 41.50 -13.97
CA VAL A 101 -18.41 40.39 -14.04
C VAL A 101 -19.11 39.06 -13.77
N GLU A 102 -20.02 39.07 -12.81
CA GLU A 102 -20.86 37.92 -12.46
C GLU A 102 -21.61 37.38 -13.68
N ASN A 103 -22.24 38.28 -14.43
CA ASN A 103 -23.11 37.93 -15.56
C ASN A 103 -22.43 37.17 -16.70
N LEU A 104 -21.25 37.64 -17.13
CA LEU A 104 -20.55 36.97 -18.23
C LEU A 104 -20.24 35.55 -17.83
N TYR A 105 -19.97 35.36 -16.54
CA TYR A 105 -19.71 34.04 -15.99
C TYR A 105 -20.94 33.14 -16.05
N LYS A 106 -22.11 33.71 -15.79
CA LYS A 106 -23.38 32.99 -15.93
C LYS A 106 -23.55 32.49 -17.36
N THR A 107 -23.43 33.41 -18.32
CA THR A 107 -23.61 33.10 -19.74
C THR A 107 -22.53 32.17 -20.32
N ILE A 108 -21.27 32.42 -20.00
CA ILE A 108 -20.14 31.70 -20.61
C ILE A 108 -19.83 30.34 -19.93
N GLY A 109 -19.43 30.38 -18.67
CA GLY A 109 -19.14 29.16 -17.93
C GLY A 109 -17.65 28.87 -17.76
N ASP A 110 -16.84 29.92 -17.85
CA ASP A 110 -15.40 29.83 -17.54
C ASP A 110 -14.86 31.21 -17.20
N LEU A 111 -14.49 31.41 -15.93
CA LEU A 111 -13.99 32.70 -15.44
C LEU A 111 -12.74 33.18 -16.15
N GLY A 112 -11.86 32.25 -16.52
CA GLY A 112 -10.68 32.56 -17.32
C GLY A 112 -11.06 33.23 -18.63
N GLU A 113 -12.01 32.64 -19.33
CA GLU A 113 -12.47 33.18 -20.59
C GLU A 113 -13.02 34.59 -20.38
N VAL A 114 -13.91 34.73 -19.41
CA VAL A 114 -14.47 36.00 -19.01
C VAL A 114 -13.36 37.03 -18.77
N ALA A 115 -12.35 36.62 -18.03
CA ALA A 115 -11.21 37.49 -17.75
C ALA A 115 -10.48 37.88 -19.04
N ARG A 116 -10.27 36.89 -19.91
CA ARG A 116 -9.62 37.12 -21.21
C ARG A 116 -10.40 38.10 -22.08
N ARG A 117 -11.72 37.93 -22.14
CA ARG A 117 -12.58 38.79 -22.95
C ARG A 117 -12.63 40.24 -22.48
N LEU A 118 -12.49 40.43 -21.17
CA LEU A 118 -12.55 41.76 -20.56
C LEU A 118 -11.25 42.54 -20.75
N LYS A 119 -10.17 41.82 -20.99
CA LYS A 119 -8.86 42.46 -21.18
C LYS A 119 -8.65 42.91 -22.61
N SER A 120 -8.98 42.03 -23.56
CA SER A 120 -8.79 42.32 -24.98
C SER A 120 -9.64 43.48 -25.50
N LYS A 121 -10.58 43.96 -24.69
CA LYS A 121 -11.36 45.15 -25.03
C LYS A 121 -10.56 46.44 -24.73
N GLN A 122 -9.52 46.31 -23.90
CA GLN A 122 -8.63 47.42 -23.58
C GLN A 122 -7.17 47.06 -23.82
N LYS A 136 5.08 49.04 -18.76
CA LYS A 136 4.84 48.49 -20.10
C LYS A 136 5.59 47.18 -20.33
N GLU A 137 6.13 46.61 -19.25
CA GLU A 137 6.85 45.33 -19.31
C GLU A 137 5.93 44.13 -19.07
N SER A 138 6.00 43.16 -19.99
CA SER A 138 5.20 41.92 -19.91
C SER A 138 5.61 41.03 -18.73
N LEU A 139 4.74 40.09 -18.36
CA LEU A 139 4.96 39.22 -17.17
C LEU A 139 6.10 38.24 -17.30
N THR A 140 6.82 38.03 -16.20
CA THR A 140 7.89 37.05 -16.17
C THR A 140 7.49 35.83 -15.34
N VAL A 141 8.06 34.68 -15.69
CA VAL A 141 7.78 33.45 -14.97
C VAL A 141 8.16 33.60 -13.50
N ASP A 142 9.28 34.28 -13.26
CA ASP A 142 9.74 34.56 -11.90
C ASP A 142 8.67 35.23 -11.04
N GLU A 143 8.10 36.33 -11.55
CA GLU A 143 7.16 37.13 -10.75
C GLU A 143 5.84 36.40 -10.58
N VAL A 144 5.49 35.54 -11.54
CA VAL A 144 4.33 34.66 -11.38
C VAL A 144 4.56 33.66 -10.25
N TYR A 145 5.64 32.89 -10.34
CA TYR A 145 5.95 31.91 -9.31
C TYR A 145 6.09 32.56 -7.93
N SER A 146 6.79 33.70 -7.90
CA SER A 146 6.91 34.51 -6.70
C SER A 146 5.53 34.84 -6.14
N THR A 147 4.70 35.50 -6.94
CA THR A 147 3.38 35.91 -6.49
C THR A 147 2.54 34.71 -6.09
N LEU A 148 2.35 33.76 -7.02
CA LEU A 148 1.46 32.63 -6.75
C LEU A 148 1.82 31.83 -5.50
N SER A 149 3.10 31.83 -5.13
CA SER A 149 3.54 31.22 -3.86
C SER A 149 2.94 31.94 -2.67
N LYS A 150 3.03 33.28 -2.67
CA LYS A 150 2.50 34.06 -1.56
C LYS A 150 1.03 33.73 -1.39
N VAL A 151 0.30 33.78 -2.49
CA VAL A 151 -1.13 33.49 -2.49
C VAL A 151 -1.41 32.10 -1.88
N ALA A 152 -0.63 31.10 -2.27
CA ALA A 152 -0.77 29.77 -1.69
C ALA A 152 -0.36 29.75 -0.22
N LEU A 153 0.68 30.54 0.11
CA LEU A 153 1.31 30.42 1.43
C LEU A 153 0.71 31.27 2.53
N THR A 154 0.11 32.39 2.18
CA THR A 154 -0.51 33.32 3.13
C THR A 154 -1.85 32.78 3.68
N THR A 155 -1.94 32.60 4.99
CA THR A 155 -3.22 32.21 5.65
C THR A 155 -3.39 32.98 6.95
N GLY A 156 -4.59 32.89 7.53
CA GLY A 156 -4.90 33.59 8.79
C GLY A 156 -5.33 35.04 8.60
N GLU A 157 -5.98 35.58 9.63
CA GLU A 157 -6.50 36.96 9.66
C GLU A 157 -5.94 37.90 8.59
N GLY A 158 -6.79 38.32 7.66
CA GLY A 158 -6.43 39.35 6.68
C GLY A 158 -5.78 38.87 5.41
N SER A 159 -5.70 37.55 5.22
CA SER A 159 -5.07 37.01 4.04
C SER A 159 -5.96 37.11 2.79
N ARG A 160 -7.26 36.89 2.96
CA ARG A 160 -8.27 37.10 1.92
C ARG A 160 -7.96 38.35 1.07
N ASP A 161 -7.78 39.48 1.75
CA ASP A 161 -7.56 40.75 1.10
C ASP A 161 -6.21 40.86 0.39
N LEU A 162 -5.21 40.17 0.94
CA LEU A 162 -3.89 40.15 0.32
C LEU A 162 -3.88 39.28 -0.92
N LYS A 163 -4.50 38.11 -0.82
CA LYS A 163 -4.68 37.24 -1.99
C LYS A 163 -5.36 38.02 -3.11
N ILE A 164 -6.51 38.63 -2.81
CA ILE A 164 -7.27 39.38 -3.80
C ILE A 164 -6.41 40.45 -4.48
N ARG A 165 -5.71 41.24 -3.68
CA ARG A 165 -4.85 42.32 -4.21
C ARG A 165 -3.62 41.82 -4.98
N LEU A 166 -3.04 40.69 -4.55
CA LEU A 166 -1.88 40.13 -5.24
C LEU A 166 -2.24 39.53 -6.60
N LEU A 167 -3.35 38.81 -6.65
CA LEU A 167 -3.87 38.28 -7.90
C LEU A 167 -4.23 39.40 -8.87
N ALA A 168 -5.02 40.36 -8.39
CA ALA A 168 -5.42 41.51 -9.19
C ALA A 168 -4.20 42.14 -9.84
N GLY A 169 -3.17 42.40 -9.05
CA GLY A 169 -1.88 42.86 -9.54
C GLY A 169 -1.38 42.02 -10.71
N LEU A 170 -1.29 40.71 -10.50
CA LEU A 170 -0.86 39.81 -11.57
C LEU A 170 -1.71 39.95 -12.81
N LEU A 171 -3.03 39.86 -12.63
CA LEU A 171 -3.95 39.90 -13.75
C LEU A 171 -3.86 41.22 -14.49
N LYS A 172 -3.70 42.32 -13.75
CA LYS A 172 -3.55 43.64 -14.34
C LYS A 172 -2.31 43.69 -15.22
N LYS A 173 -1.20 43.19 -14.68
CA LYS A 173 0.07 43.15 -15.41
C LYS A 173 -0.01 42.21 -16.62
N ALA A 174 -0.85 41.18 -16.50
CA ALA A 174 -1.01 40.17 -17.54
C ALA A 174 -1.70 40.70 -18.79
N ASP A 175 -1.34 40.13 -19.94
CA ASP A 175 -2.04 40.39 -21.19
C ASP A 175 -3.25 39.44 -21.26
N PRO A 176 -4.20 39.70 -22.18
CA PRO A 176 -5.39 38.86 -22.39
C PRO A 176 -5.22 37.35 -22.15
N LEU A 177 -4.41 36.69 -22.98
CA LEU A 177 -4.25 35.23 -22.89
C LEU A 177 -3.61 34.81 -21.56
N GLU A 178 -2.62 35.59 -21.12
CA GLU A 178 -1.97 35.36 -19.84
C GLU A 178 -3.01 35.32 -18.73
N ALA A 179 -3.81 36.38 -18.63
CA ALA A 179 -4.88 36.43 -17.66
C ALA A 179 -5.72 35.15 -17.67
N LYS A 180 -6.31 34.83 -18.82
CA LYS A 180 -7.18 33.65 -18.94
C LYS A 180 -6.59 32.45 -18.23
N PHE A 181 -5.30 32.23 -18.42
CA PHE A 181 -4.69 31.01 -17.91
C PHE A 181 -4.15 31.14 -16.50
N LEU A 182 -3.89 32.37 -16.06
CA LEU A 182 -3.58 32.60 -14.66
C LEU A 182 -4.79 32.29 -13.81
N VAL A 183 -5.98 32.56 -14.35
CA VAL A 183 -7.21 32.29 -13.63
C VAL A 183 -7.35 30.80 -13.46
N ARG A 184 -7.41 30.08 -14.58
CA ARG A 184 -7.60 28.63 -14.56
C ARG A 184 -6.60 27.96 -13.60
N PHE A 185 -5.36 28.44 -13.63
CA PHE A 185 -4.31 27.95 -12.76
C PHE A 185 -4.67 28.04 -11.28
N VAL A 186 -5.14 29.20 -10.83
CA VAL A 186 -5.45 29.45 -9.43
C VAL A 186 -6.74 28.74 -9.02
N GLU A 187 -7.58 28.48 -10.01
CA GLU A 187 -8.91 27.93 -9.80
C GLU A 187 -8.80 26.43 -9.56
N GLY A 188 -7.64 25.89 -9.92
CA GLY A 188 -7.41 24.45 -9.90
C GLY A 188 -7.71 23.88 -11.27
N ARG A 189 -8.67 24.50 -11.96
CA ARG A 189 -9.17 24.05 -13.25
C ARG A 189 -8.14 24.07 -14.39
N LEU A 190 -6.90 23.69 -14.08
CA LEU A 190 -5.93 23.34 -15.11
C LEU A 190 -5.90 21.83 -15.26
N ARG A 191 -7.08 21.34 -15.62
CA ARG A 191 -7.33 20.07 -16.30
C ARG A 191 -6.04 19.41 -16.79
N VAL A 192 -5.52 19.94 -17.90
CA VAL A 192 -4.24 19.56 -18.53
C VAL A 192 -3.99 18.05 -18.67
N GLY A 193 -3.95 17.33 -17.55
CA GLY A 193 -3.73 15.88 -17.55
C GLY A 193 -2.36 15.46 -18.02
N ILE A 194 -1.34 16.20 -17.64
CA ILE A 194 0.03 15.73 -17.83
C ILE A 194 0.64 15.55 -16.44
N GLY A 195 1.58 14.62 -16.32
CA GLY A 195 2.17 14.35 -15.02
C GLY A 195 3.63 14.14 -15.17
N ASP A 196 4.31 14.02 -14.02
CA ASP A 196 5.74 13.76 -13.95
C ASP A 196 6.31 12.90 -15.10
N ALA A 197 5.71 11.73 -15.36
CA ALA A 197 6.19 10.84 -16.42
C ALA A 197 6.24 11.51 -17.78
N THR A 198 5.22 12.33 -18.07
CA THR A 198 5.11 13.02 -19.34
C THR A 198 6.28 13.97 -19.47
N VAL A 199 6.58 14.66 -18.38
CA VAL A 199 7.65 15.64 -18.34
C VAL A 199 9.02 14.97 -18.49
N LEU A 200 9.29 13.92 -17.74
CA LEU A 200 10.55 13.17 -17.91
C LEU A 200 10.77 12.83 -19.37
N ASP A 201 9.75 12.21 -20.00
CA ASP A 201 9.86 11.87 -21.40
C ASP A 201 10.28 13.09 -22.18
N ALA A 202 9.63 14.23 -21.94
CA ALA A 202 9.98 15.46 -22.67
C ALA A 202 11.38 16.02 -22.34
N MET A 203 11.85 15.82 -21.10
CA MET A 203 13.18 16.25 -20.70
C MET A 203 14.26 15.41 -21.40
N ALA A 204 14.00 14.11 -21.56
CA ALA A 204 14.88 13.28 -22.38
C ALA A 204 15.00 13.90 -23.77
N ILE A 205 13.87 14.28 -24.35
CA ILE A 205 13.84 14.81 -25.70
C ILE A 205 14.55 16.18 -25.80
N ALA A 206 14.33 17.01 -24.78
CA ALA A 206 14.88 18.37 -24.71
C ALA A 206 16.35 18.45 -24.26
N PHE A 207 16.76 17.55 -23.36
CA PHE A 207 18.07 17.66 -22.70
C PHE A 207 18.98 16.45 -22.86
N GLY A 208 18.42 15.25 -22.81
CA GLY A 208 19.19 14.01 -23.03
C GLY A 208 19.56 13.77 -24.49
N GLY A 209 19.06 14.61 -25.39
CA GLY A 209 19.33 14.48 -26.81
C GLY A 209 18.54 13.38 -27.49
N GLY A 210 17.39 13.00 -26.95
CA GLY A 210 16.56 11.99 -27.60
C GLY A 210 16.08 10.90 -26.69
N GLN A 211 15.23 10.04 -27.23
CA GLN A 211 14.47 9.05 -26.45
C GLN A 211 15.33 8.11 -25.58
N SER A 212 16.46 7.68 -26.11
CA SER A 212 17.34 6.70 -25.45
C SER A 212 17.75 7.12 -24.04
N ALA A 213 17.62 8.42 -23.76
CA ALA A 213 18.02 8.99 -22.48
C ALA A 213 16.95 8.79 -21.43
N SER A 214 15.87 8.08 -21.77
CA SER A 214 14.76 7.90 -20.85
C SER A 214 15.17 7.05 -19.65
N GLU A 215 15.92 6.00 -19.92
CA GLU A 215 16.29 5.03 -18.89
C GLU A 215 16.95 5.72 -17.70
N ILE A 216 18.02 6.48 -17.98
CA ILE A 216 18.72 7.22 -16.94
C ILE A 216 17.82 8.16 -16.16
N ILE A 217 17.10 9.04 -16.85
CA ILE A 217 16.25 10.00 -16.15
C ILE A 217 15.28 9.25 -15.24
N GLU A 218 14.57 8.26 -15.79
CA GLU A 218 13.68 7.40 -15.02
C GLU A 218 14.36 6.81 -13.78
N ARG A 219 15.53 6.20 -13.98
CA ARG A 219 16.29 5.61 -12.89
C ARG A 219 16.46 6.62 -11.75
N ALA A 220 16.96 7.79 -12.08
CA ALA A 220 17.23 8.83 -11.10
C ALA A 220 15.94 9.23 -10.38
N TYR A 221 14.90 9.50 -11.15
CA TYR A 221 13.64 9.96 -10.61
C TYR A 221 13.11 8.95 -9.57
N ASN A 222 13.18 7.67 -9.93
CA ASN A 222 12.84 6.56 -9.04
C ASN A 222 13.51 6.62 -7.68
N LEU A 223 14.76 7.11 -7.64
CA LEU A 223 15.51 7.19 -6.40
C LEU A 223 15.31 8.53 -5.74
N ARG A 224 14.82 9.50 -6.51
CA ARG A 224 14.65 10.84 -6.00
C ARG A 224 13.45 11.47 -6.70
N ALA A 225 12.26 11.20 -6.18
CA ALA A 225 11.02 11.53 -6.87
C ALA A 225 10.65 13.03 -6.83
N ASP A 226 11.53 13.85 -7.40
CA ASP A 226 11.40 15.29 -7.39
C ASP A 226 11.86 15.77 -8.74
N LEU A 227 10.90 15.95 -9.63
CA LEU A 227 11.14 16.39 -11.01
C LEU A 227 12.06 17.59 -11.12
N GLY A 228 11.79 18.62 -10.32
CA GLY A 228 12.60 19.82 -10.29
C GLY A 228 14.05 19.61 -9.92
N ASN A 229 14.30 18.80 -8.89
CA ASN A 229 15.67 18.45 -8.51
C ASN A 229 16.45 17.72 -9.61
N ILE A 230 15.80 16.74 -10.25
CA ILE A 230 16.35 16.04 -11.40
C ILE A 230 16.56 16.99 -12.56
N ALA A 231 15.54 17.78 -12.88
CA ALA A 231 15.62 18.78 -13.94
C ALA A 231 16.85 19.68 -13.76
N LYS A 232 17.02 20.20 -12.56
CA LYS A 232 18.14 21.06 -12.21
C LYS A 232 19.48 20.38 -12.47
N ILE A 233 19.61 19.13 -12.07
CA ILE A 233 20.85 18.40 -12.34
C ILE A 233 21.04 18.23 -13.85
N ILE A 234 20.02 17.77 -14.56
CA ILE A 234 20.11 17.56 -16.01
C ILE A 234 20.65 18.79 -16.71
N VAL A 235 20.17 19.96 -16.30
CA VAL A 235 20.55 21.23 -16.91
C VAL A 235 21.94 21.73 -16.48
N GLU A 236 22.19 21.82 -15.17
CA GLU A 236 23.46 22.32 -14.67
C GLU A 236 24.61 21.37 -14.97
N LYS A 237 24.62 20.22 -14.29
CA LYS A 237 25.73 19.25 -14.41
C LYS A 237 25.65 18.34 -15.66
N GLY A 238 24.50 18.28 -16.31
CA GLY A 238 24.35 17.44 -17.50
C GLY A 238 23.76 16.06 -17.22
N ILE A 239 23.31 15.43 -18.30
CA ILE A 239 22.70 14.10 -18.26
C ILE A 239 23.56 12.99 -17.64
N GLU A 240 24.89 13.10 -17.79
CA GLU A 240 25.80 12.08 -17.28
C GLU A 240 25.78 11.98 -15.76
N ALA A 241 25.65 13.13 -15.10
CA ALA A 241 25.57 13.20 -13.65
C ALA A 241 24.53 12.23 -13.04
N LEU A 242 23.35 12.17 -13.66
CA LEU A 242 22.26 11.32 -13.19
C LEU A 242 22.64 9.86 -12.97
N LYS A 243 23.60 9.36 -13.75
CA LYS A 243 23.98 7.93 -13.68
C LYS A 243 24.40 7.43 -12.29
N THR A 244 25.06 8.30 -11.51
CA THR A 244 25.53 7.93 -10.17
C THR A 244 24.69 8.53 -9.03
N LEU A 245 23.50 9.01 -9.36
CA LEU A 245 22.63 9.70 -8.39
C LEU A 245 22.17 8.76 -7.28
N LYS A 246 22.23 9.23 -6.04
CA LYS A 246 21.78 8.46 -4.89
C LYS A 246 20.51 9.07 -4.28
N PRO A 247 19.82 8.34 -3.39
CA PRO A 247 18.67 8.99 -2.75
C PRO A 247 19.11 10.18 -1.91
N GLN A 248 18.16 11.02 -1.52
CA GLN A 248 18.46 12.14 -0.64
C GLN A 248 17.40 12.17 0.46
N VAL A 249 17.82 11.93 1.69
CA VAL A 249 16.90 11.95 2.82
C VAL A 249 16.08 13.21 2.76
N GLY A 250 14.75 13.04 2.77
CA GLY A 250 13.85 14.19 2.75
C GLY A 250 13.13 14.32 1.42
N ILE A 251 13.65 13.60 0.42
CA ILE A 251 13.01 13.47 -0.87
C ILE A 251 12.73 11.98 -1.07
N PRO A 252 11.48 11.64 -1.42
CA PRO A 252 11.02 10.24 -1.38
C PRO A 252 11.64 9.34 -2.44
N ILE A 253 11.65 8.05 -2.14
CA ILE A 253 11.95 7.03 -3.13
C ILE A 253 10.65 6.46 -3.66
N ARG A 254 10.51 6.42 -4.99
CA ARG A 254 9.41 5.70 -5.58
C ARG A 254 9.38 4.30 -4.97
N PRO A 255 8.25 3.89 -4.35
CA PRO A 255 8.18 2.60 -3.68
C PRO A 255 8.44 1.43 -4.60
N MET A 256 9.01 0.37 -4.06
CA MET A 256 9.15 -0.86 -4.78
C MET A 256 7.80 -1.56 -4.75
N LEU A 257 7.46 -2.26 -5.83
CA LEU A 257 6.17 -2.88 -5.94
C LEU A 257 6.27 -4.36 -6.22
N ALA A 258 5.25 -5.12 -5.79
CA ALA A 258 5.28 -6.56 -5.88
C ALA A 258 4.43 -7.10 -7.04
N GLU A 259 4.88 -8.22 -7.61
CA GLU A 259 4.04 -8.98 -8.51
C GLU A 259 3.03 -9.82 -7.73
N ARG A 260 2.26 -10.65 -8.43
CA ARG A 260 1.21 -11.47 -7.85
C ARG A 260 1.15 -12.82 -8.55
N LEU A 261 1.17 -13.88 -7.75
CA LEU A 261 0.89 -15.24 -8.23
C LEU A 261 0.01 -15.94 -7.20
N SER A 262 -0.76 -16.92 -7.65
CA SER A 262 -1.68 -17.64 -6.76
C SER A 262 -1.14 -19.01 -6.34
N ASN A 263 -0.06 -19.45 -6.96
CA ASN A 263 0.52 -20.76 -6.70
C ASN A 263 1.78 -20.67 -5.85
N PRO A 264 1.78 -21.24 -4.63
CA PRO A 264 2.97 -21.14 -3.77
C PRO A 264 4.17 -21.87 -4.35
N GLU A 265 3.95 -23.01 -5.00
CA GLU A 265 5.07 -23.70 -5.59
C GLU A 265 5.72 -22.88 -6.70
N GLU A 266 4.88 -22.26 -7.54
CA GLU A 266 5.37 -21.39 -8.60
C GLU A 266 6.18 -20.21 -8.05
N ILE A 267 5.81 -19.77 -6.85
CA ILE A 267 6.44 -18.60 -6.25
C ILE A 267 7.89 -18.89 -5.81
N LEU A 268 8.08 -20.01 -5.11
CA LEU A 268 9.40 -20.32 -4.58
C LEU A 268 10.38 -20.70 -5.70
N LYS A 269 9.86 -21.26 -6.80
CA LYS A 269 10.68 -21.52 -7.97
C LYS A 269 11.22 -20.21 -8.54
N LYS A 270 10.42 -19.16 -8.52
CA LYS A 270 10.89 -17.84 -8.95
C LYS A 270 11.95 -17.29 -8.00
N MET A 271 11.96 -17.77 -6.75
CA MET A 271 12.86 -17.21 -5.74
C MET A 271 14.10 -18.07 -5.55
N GLY A 272 14.21 -19.14 -6.32
CA GLY A 272 15.33 -20.04 -6.16
C GLY A 272 15.17 -20.95 -4.96
N GLY A 273 13.93 -21.29 -4.64
CA GLY A 273 13.63 -22.21 -3.54
C GLY A 273 13.94 -21.63 -2.18
N ASN A 274 14.09 -20.31 -2.14
CA ASN A 274 14.65 -19.61 -0.99
C ASN A 274 14.01 -18.25 -0.90
N ALA A 275 13.37 -17.93 0.22
CA ALA A 275 12.73 -16.62 0.37
C ALA A 275 12.49 -16.20 1.81
N ILE A 276 12.40 -14.89 2.00
CA ILE A 276 11.95 -14.28 3.24
C ILE A 276 10.48 -14.00 3.04
N VAL A 277 9.65 -14.43 3.99
CA VAL A 277 8.22 -14.29 3.85
C VAL A 277 7.65 -13.42 4.97
N ASP A 278 6.93 -12.37 4.61
CA ASP A 278 6.34 -11.43 5.56
C ASP A 278 4.83 -11.52 5.61
N TYR A 279 4.23 -11.18 6.75
CA TYR A 279 2.79 -10.97 6.80
CA TYR A 279 2.79 -10.94 6.82
C TYR A 279 2.47 -9.74 5.95
N LYS A 280 1.43 -9.85 5.12
CA LYS A 280 0.99 -8.72 4.31
C LYS A 280 0.02 -7.87 5.14
N TYR A 281 0.52 -6.78 5.70
CA TYR A 281 -0.26 -5.91 6.57
C TYR A 281 -1.30 -5.04 5.85
N ASP A 282 -2.35 -4.72 6.58
CA ASP A 282 -3.43 -3.95 6.02
C ASP A 282 -3.43 -2.55 6.63
N GLY A 283 -2.83 -1.59 5.93
CA GLY A 283 -2.67 -0.26 6.50
C GLY A 283 -2.09 0.76 5.57
N GLU A 284 -1.45 1.78 6.13
CA GLU A 284 -0.86 2.86 5.35
C GLU A 284 0.58 2.49 5.09
N ARG A 285 0.99 2.51 3.82
CA ARG A 285 2.39 2.22 3.45
C ARG A 285 3.20 3.49 3.69
N ALA A 286 3.93 3.52 4.80
CA ALA A 286 4.60 4.71 5.24
C ALA A 286 6.09 4.62 4.94
N GLN A 287 6.62 5.66 4.31
CA GLN A 287 8.05 5.78 4.11
C GLN A 287 8.54 6.87 5.07
N ILE A 288 9.44 6.49 5.96
CA ILE A 288 9.84 7.35 7.04
C ILE A 288 11.26 7.80 6.80
N HIS A 289 11.44 9.12 6.81
CA HIS A 289 12.74 9.72 6.65
C HIS A 289 13.09 10.45 7.93
N LYS A 290 14.38 10.45 8.27
CA LYS A 290 14.89 11.27 9.36
C LYS A 290 16.23 11.86 8.95
N LYS A 291 16.39 13.18 9.09
CA LYS A 291 17.69 13.82 8.91
C LYS A 291 18.10 14.64 10.13
N GLU A 292 19.11 14.14 10.83
CA GLU A 292 19.59 14.67 12.13
C GLU A 292 18.52 14.74 13.21
N ASP A 293 17.49 15.56 13.01
CA ASP A 293 16.37 15.61 13.96
C ASP A 293 14.93 15.60 13.41
N LYS A 294 14.72 16.10 12.20
CA LYS A 294 13.37 16.26 11.64
C LYS A 294 12.90 14.94 11.04
N ILE A 295 11.62 14.63 11.20
CA ILE A 295 11.08 13.38 10.68
C ILE A 295 10.02 13.64 9.62
N PHE A 296 10.01 12.78 8.60
CA PHE A 296 9.12 12.92 7.44
C PHE A 296 8.45 11.59 7.21
N ILE A 297 7.13 11.58 7.10
CA ILE A 297 6.39 10.37 6.73
C ILE A 297 5.66 10.54 5.40
N PHE A 298 6.08 9.77 4.39
CA PHE A 298 5.39 9.80 3.08
C PHE A 298 4.48 8.58 2.83
N SER A 299 3.35 8.86 2.20
CA SER A 299 2.29 7.87 2.02
C SER A 299 2.58 6.97 0.84
N ARG A 300 1.71 5.99 0.63
CA ARG A 300 1.86 5.09 -0.52
C ARG A 300 2.01 5.91 -1.81
N ARG A 301 1.28 7.02 -1.88
CA ARG A 301 1.30 7.86 -3.08
C ARG A 301 2.25 9.03 -2.93
N LEU A 302 3.09 9.01 -1.89
CA LEU A 302 4.07 10.07 -1.66
C LEU A 302 3.43 11.42 -1.34
N GLU A 303 2.27 11.37 -0.69
CA GLU A 303 1.67 12.52 -0.03
C GLU A 303 2.43 12.65 1.28
N ASN A 304 2.61 13.89 1.75
CA ASN A 304 3.18 14.10 3.06
C ASN A 304 2.12 13.86 4.12
N ILE A 305 2.26 12.79 4.91
CA ILE A 305 1.27 12.46 5.93
C ILE A 305 1.80 12.59 7.36
N THR A 306 2.97 13.23 7.51
CA THR A 306 3.59 13.46 8.82
C THR A 306 2.60 14.00 9.86
N SER A 307 2.01 15.15 9.58
CA SER A 307 1.14 15.81 10.56
C SER A 307 -0.11 15.00 10.92
N GLN A 308 -0.37 13.92 10.18
CA GLN A 308 -1.45 13.01 10.56
C GLN A 308 -1.01 11.97 11.59
N TYR A 309 0.29 11.74 11.72
CA TYR A 309 0.77 10.70 12.63
C TYR A 309 1.86 11.13 13.63
N PRO A 310 1.52 12.04 14.57
CA PRO A 310 2.53 12.55 15.49
C PRO A 310 2.98 11.48 16.48
N ASP A 311 2.13 10.49 16.72
CA ASP A 311 2.52 9.33 17.50
C ASP A 311 3.61 8.51 16.79
N VAL A 312 3.41 8.18 15.51
CA VAL A 312 4.50 7.57 14.73
C VAL A 312 5.79 8.43 14.75
N VAL A 313 5.66 9.75 14.69
CA VAL A 313 6.84 10.58 14.81
C VAL A 313 7.53 10.31 16.17
N ASP A 314 6.80 10.47 17.28
CA ASP A 314 7.29 10.13 18.62
C ASP A 314 7.94 8.73 18.69
N TYR A 315 7.25 7.73 18.14
CA TYR A 315 7.70 6.35 18.15
C TYR A 315 9.04 6.21 17.44
N VAL A 316 9.13 6.82 16.26
CA VAL A 316 10.33 6.78 15.43
C VAL A 316 11.56 7.31 16.19
N SER A 317 11.42 8.48 16.81
CA SER A 317 12.60 9.11 17.41
C SER A 317 12.99 8.44 18.71
N LYS A 318 12.01 7.91 19.42
CA LYS A 318 12.25 7.23 20.70
C LYS A 318 12.87 5.84 20.53
N TYR A 319 12.46 5.09 19.51
CA TYR A 319 12.80 3.67 19.42
C TYR A 319 13.65 3.23 18.24
N ILE A 320 13.89 4.13 17.28
CA ILE A 320 14.76 3.80 16.15
C ILE A 320 16.04 4.59 16.21
N GLU A 321 17.11 3.87 16.51
CA GLU A 321 18.44 4.41 16.67
C GLU A 321 19.01 4.79 15.30
N GLY A 322 19.60 5.98 15.21
CA GLY A 322 20.16 6.41 13.93
C GLY A 322 20.06 7.89 13.69
N LYS A 323 21.10 8.44 13.06
CA LYS A 323 21.21 9.88 12.82
C LYS A 323 20.29 10.32 11.69
N GLU A 324 20.26 9.54 10.60
CA GLU A 324 19.49 9.90 9.40
C GLU A 324 19.35 8.71 8.46
N PHE A 325 18.15 8.52 7.91
CA PHE A 325 17.81 7.30 7.20
C PHE A 325 16.50 7.40 6.46
N ILE A 326 16.28 6.43 5.57
CA ILE A 326 14.99 6.24 4.93
C ILE A 326 14.58 4.80 5.18
N ILE A 327 13.44 4.60 5.82
CA ILE A 327 12.92 3.25 6.02
C ILE A 327 11.48 3.23 5.60
N GLU A 328 10.89 2.04 5.51
CA GLU A 328 9.46 1.96 5.24
C GLU A 328 8.80 0.85 6.00
N GLY A 329 7.53 1.04 6.30
CA GLY A 329 6.77 0.04 7.00
C GLY A 329 5.30 0.32 6.85
N GLU A 330 4.51 -0.53 7.49
CA GLU A 330 3.07 -0.39 7.38
C GLU A 330 2.54 0.14 8.71
N ILE A 331 1.77 1.22 8.65
CA ILE A 331 1.11 1.73 9.84
C ILE A 331 -0.27 1.13 9.88
N VAL A 332 -0.62 0.60 11.04
CA VAL A 332 -1.78 -0.26 11.18
C VAL A 332 -2.60 0.10 12.40
N ALA A 333 -3.89 0.33 12.20
CA ALA A 333 -4.82 0.62 13.30
C ALA A 333 -4.84 -0.55 14.27
N ILE A 334 -4.88 -0.24 15.54
CA ILE A 334 -4.77 -1.28 16.53
C ILE A 334 -5.90 -1.09 17.54
N ASP A 335 -6.27 -2.18 18.21
CA ASP A 335 -7.37 -2.19 19.15
C ASP A 335 -6.84 -1.80 20.52
N PRO A 336 -7.34 -0.67 21.08
CA PRO A 336 -6.97 -0.26 22.45
C PRO A 336 -6.69 -1.42 23.42
N GLU A 337 -7.69 -2.24 23.80
CA GLU A 337 -7.42 -3.48 24.58
C GLU A 337 -6.58 -4.48 23.77
N SER A 338 -7.14 -5.68 23.58
CA SER A 338 -6.53 -6.78 22.81
C SER A 338 -5.38 -6.47 21.86
N GLY A 339 -5.42 -5.28 21.25
CA GLY A 339 -4.38 -4.93 20.26
C GLY A 339 -4.39 -5.81 19.02
N GLU A 340 -5.54 -6.42 18.74
CA GLU A 340 -5.78 -7.04 17.44
C GLU A 340 -5.70 -5.98 16.35
N MET A 341 -5.28 -6.37 15.17
CA MET A 341 -5.23 -5.44 14.06
C MET A 341 -6.64 -5.10 13.54
N ARG A 342 -6.82 -3.80 13.22
CA ARG A 342 -8.06 -3.33 12.61
C ARG A 342 -7.83 -3.02 11.14
N PRO A 343 -8.89 -3.17 10.30
CA PRO A 343 -8.70 -2.94 8.88
C PRO A 343 -8.41 -1.49 8.51
N PHE A 344 -7.84 -1.31 7.32
CA PHE A 344 -7.41 -0.01 6.83
C PHE A 344 -8.46 1.09 6.98
N GLN A 345 -9.73 0.74 6.74
CA GLN A 345 -10.84 1.69 6.85
C GLN A 345 -10.87 2.46 8.14
N GLU A 346 -10.31 1.89 9.21
CA GLU A 346 -10.30 2.59 10.49
C GLU A 346 -9.32 3.77 10.50
N LEU A 347 -8.17 3.61 9.85
CA LEU A 347 -7.23 4.71 9.75
C LEU A 347 -7.88 5.86 9.00
N MET A 348 -8.73 5.51 8.04
CA MET A 348 -9.39 6.50 7.22
C MET A 348 -10.28 7.34 8.12
N HIS A 349 -11.06 6.68 8.98
CA HIS A 349 -11.90 7.37 9.95
C HIS A 349 -11.08 8.30 10.83
N ARG A 350 -9.92 7.84 11.30
CA ARG A 350 -8.99 8.69 12.07
C ARG A 350 -8.71 10.02 11.36
N LYS A 351 -8.31 9.92 10.09
CA LYS A 351 -7.98 11.09 9.27
C LYS A 351 -9.09 12.14 9.22
N ARG A 352 -10.31 11.78 9.62
CA ARG A 352 -11.42 12.72 9.58
C ARG A 352 -11.79 13.24 10.97
N LYS A 353 -10.98 12.90 11.98
CA LYS A 353 -11.21 13.39 13.33
C LYS A 353 -10.53 14.73 13.57
N SER A 354 -11.25 15.66 14.22
CA SER A 354 -10.77 17.02 14.46
C SER A 354 -9.76 17.11 15.61
N ASP A 355 -10.09 16.52 16.75
CA ASP A 355 -9.16 16.47 17.89
C ASP A 355 -8.16 15.32 17.68
N ILE A 356 -6.95 15.67 17.24
CA ILE A 356 -5.91 14.68 16.99
C ILE A 356 -5.62 13.83 18.23
N TYR A 357 -5.65 14.47 19.40
CA TYR A 357 -5.44 13.75 20.64
C TYR A 357 -6.57 12.78 20.95
N GLU A 358 -7.78 13.13 20.55
CA GLU A 358 -8.90 12.18 20.60
C GLU A 358 -8.74 11.12 19.51
N ALA A 359 -8.33 11.54 18.32
CA ALA A 359 -8.12 10.59 17.22
C ALA A 359 -7.23 9.42 17.65
N ILE A 360 -6.09 9.73 18.27
CA ILE A 360 -5.12 8.74 18.71
C ILE A 360 -5.65 7.85 19.85
N LYS A 361 -6.46 8.41 20.74
CA LYS A 361 -7.07 7.60 21.78
C LYS A 361 -7.95 6.50 21.17
N GLU A 362 -8.79 6.89 20.21
CA GLU A 362 -9.78 6.01 19.59
C GLU A 362 -9.15 5.12 18.54
N TYR A 363 -8.05 5.57 17.94
CA TYR A 363 -7.39 4.83 16.87
C TYR A 363 -5.86 4.78 17.05
N PRO A 364 -5.39 4.12 18.13
CA PRO A 364 -3.96 3.99 18.31
C PRO A 364 -3.38 3.19 17.13
N VAL A 365 -2.07 2.98 17.11
CA VAL A 365 -1.40 2.50 15.92
C VAL A 365 -0.15 1.73 16.31
N ASN A 366 0.23 0.76 15.50
CA ASN A 366 1.54 0.10 15.64
C ASN A 366 2.19 0.26 14.28
N VAL A 367 3.51 0.28 14.25
CA VAL A 367 4.23 0.34 12.98
C VAL A 367 5.02 -0.94 12.77
N PHE A 368 4.70 -1.62 11.69
CA PHE A 368 5.42 -2.83 11.30
C PHE A 368 6.38 -2.51 10.14
N LEU A 369 7.67 -2.39 10.45
CA LEU A 369 8.70 -2.03 9.45
C LEU A 369 9.13 -3.25 8.63
N PHE A 370 9.47 -3.02 7.37
CA PHE A 370 9.85 -4.11 6.47
C PHE A 370 10.99 -3.82 5.48
N ASP A 371 11.47 -2.59 5.44
CA ASP A 371 12.65 -2.32 4.65
C ASP A 371 13.37 -1.05 5.09
N LEU A 372 14.56 -0.89 4.53
CA LEU A 372 15.55 0.09 4.92
C LEU A 372 16.27 0.41 3.61
N MET A 373 16.28 1.66 3.20
CA MET A 373 16.87 1.99 1.91
C MET A 373 18.09 2.89 2.04
N TYR A 374 18.28 3.48 3.21
CA TYR A 374 19.30 4.51 3.38
C TYR A 374 19.55 4.73 4.85
N TYR A 375 20.81 4.61 5.27
CA TYR A 375 21.16 4.79 6.66
C TYR A 375 22.49 5.54 6.75
N GLU A 376 22.45 6.68 7.45
CA GLU A 376 23.62 7.52 7.72
C GLU A 376 24.55 7.71 6.52
N ASP A 377 24.05 8.43 5.51
CA ASP A 377 24.81 8.77 4.31
C ASP A 377 25.15 7.59 3.40
N VAL A 378 24.64 6.41 3.70
CA VAL A 378 24.95 5.22 2.89
C VAL A 378 23.72 4.74 2.16
N ASP A 379 23.85 4.47 0.86
CA ASP A 379 22.73 3.98 0.07
C ASP A 379 22.62 2.48 0.25
N TYR A 380 21.48 2.01 0.75
CA TYR A 380 21.31 0.58 0.95
C TYR A 380 20.50 -0.10 -0.16
N THR A 381 19.97 0.68 -1.09
CA THR A 381 19.13 0.12 -2.16
C THR A 381 19.82 -0.94 -3.01
N THR A 382 21.15 -0.92 -3.04
CA THR A 382 21.89 -1.85 -3.91
C THR A 382 22.32 -3.14 -3.21
N LYS A 383 22.00 -3.27 -1.92
CA LYS A 383 22.46 -4.38 -1.12
C LYS A 383 21.35 -5.40 -0.89
N PRO A 384 21.71 -6.66 -0.66
CA PRO A 384 20.73 -7.74 -0.54
C PRO A 384 19.67 -7.48 0.54
N LEU A 385 18.49 -8.06 0.36
CA LEU A 385 17.43 -7.97 1.33
C LEU A 385 17.86 -8.37 2.76
N GLU A 386 18.59 -9.48 2.90
CA GLU A 386 19.13 -9.93 4.21
C GLU A 386 19.87 -8.78 4.89
N ALA A 387 20.76 -8.15 4.11
CA ALA A 387 21.58 -7.03 4.58
C ALA A 387 20.70 -5.92 5.14
N ARG A 388 19.77 -5.43 4.30
CA ARG A 388 18.90 -4.34 4.66
C ARG A 388 18.13 -4.71 5.92
N ARG A 389 17.68 -5.96 6.01
CA ARG A 389 16.92 -6.40 7.17
C ARG A 389 17.77 -6.54 8.44
N LYS A 390 18.96 -7.13 8.31
CA LYS A 390 19.86 -7.28 9.46
C LYS A 390 20.06 -5.91 10.11
N LEU A 391 20.43 -4.92 9.31
CA LEU A 391 20.57 -3.55 9.78
C LEU A 391 19.27 -3.06 10.39
N LEU A 392 18.17 -3.20 9.63
CA LEU A 392 16.84 -2.71 10.05
C LEU A 392 16.46 -3.20 11.40
N GLU A 393 16.74 -4.48 11.67
CA GLU A 393 16.34 -5.06 12.92
C GLU A 393 17.13 -4.46 14.04
N SER A 394 18.45 -4.41 13.88
CA SER A 394 19.36 -4.01 14.95
C SER A 394 19.18 -2.57 15.44
N ILE A 395 18.54 -1.73 14.63
CA ILE A 395 18.29 -0.34 15.02
C ILE A 395 16.95 -0.12 15.75
N VAL A 396 16.10 -1.14 15.79
CA VAL A 396 14.82 -1.01 16.50
C VAL A 396 15.00 -1.43 17.93
N LYS A 397 14.92 -0.46 18.83
CA LYS A 397 14.85 -0.76 20.25
C LYS A 397 13.53 -1.46 20.47
N PRO A 398 13.54 -2.60 21.20
CA PRO A 398 12.30 -3.32 21.53
C PRO A 398 11.33 -2.43 22.30
N ASN A 399 10.11 -2.36 21.79
CA ASN A 399 9.03 -1.56 22.33
C ASN A 399 7.71 -2.19 21.91
N ASP A 400 6.60 -1.54 22.21
CA ASP A 400 5.27 -2.10 21.93
C ASP A 400 4.56 -1.46 20.73
N TYR A 401 5.25 -0.56 20.05
CA TYR A 401 4.63 0.24 19.00
C TYR A 401 5.34 0.17 17.67
N VAL A 402 6.67 0.03 17.66
CA VAL A 402 7.40 -0.16 16.39
C VAL A 402 8.13 -1.48 16.42
N LYS A 403 7.79 -2.37 15.49
CA LYS A 403 8.29 -3.75 15.48
C LYS A 403 8.67 -4.12 14.06
N ILE A 404 9.41 -5.22 13.91
CA ILE A 404 9.73 -5.69 12.57
C ILE A 404 8.57 -6.53 12.08
N ALA A 405 8.27 -6.44 10.79
CA ALA A 405 7.24 -7.29 10.18
C ALA A 405 7.40 -8.75 10.64
N HIS A 406 6.32 -9.41 11.01
CA HIS A 406 6.38 -10.84 11.32
C HIS A 406 6.83 -11.58 10.07
N HIS A 407 7.80 -12.48 10.23
CA HIS A 407 8.43 -13.11 9.08
C HIS A 407 9.12 -14.43 9.39
N ILE A 408 9.37 -15.21 8.33
CA ILE A 408 10.25 -16.38 8.43
C ILE A 408 11.12 -16.42 7.20
N GLN A 409 12.13 -17.28 7.21
CA GLN A 409 12.84 -17.61 6.01
C GLN A 409 12.32 -18.98 5.55
N ALA A 410 11.61 -18.98 4.42
CA ALA A 410 11.05 -20.21 3.86
C ALA A 410 12.10 -20.92 3.01
N ASN A 411 12.41 -22.17 3.37
CA ASN A 411 13.38 -22.95 2.57
C ASN A 411 12.73 -24.00 1.69
N ASN A 412 11.42 -24.20 1.88
CA ASN A 412 10.61 -25.03 1.00
C ASN A 412 9.17 -24.55 0.92
N VAL A 413 8.36 -25.18 0.06
CA VAL A 413 6.96 -24.75 -0.14
C VAL A 413 6.16 -24.90 1.15
N GLU A 414 6.39 -25.99 1.87
CA GLU A 414 5.72 -26.27 3.11
C GLU A 414 5.83 -25.14 4.12
N ASP A 415 7.04 -24.58 4.24
CA ASP A 415 7.25 -23.43 5.11
C ASP A 415 6.43 -22.23 4.67
N LEU A 416 6.37 -22.01 3.37
CA LEU A 416 5.65 -20.89 2.82
C LEU A 416 4.18 -21.09 3.06
N LYS A 417 3.69 -22.30 2.79
CA LYS A 417 2.28 -22.63 2.95
C LYS A 417 1.84 -22.54 4.42
N SER A 418 2.56 -23.21 5.32
CA SER A 418 2.32 -23.10 6.75
C SER A 418 2.08 -21.66 7.17
N PHE A 419 3.05 -20.80 6.86
CA PHE A 419 3.04 -19.42 7.30
C PHE A 419 1.88 -18.66 6.66
N PHE A 420 1.62 -18.92 5.38
CA PHE A 420 0.53 -18.28 4.65
C PHE A 420 -0.80 -18.58 5.30
N TYR A 421 -0.99 -19.83 5.69
CA TYR A 421 -2.23 -20.23 6.33
C TYR A 421 -2.32 -19.67 7.76
N ARG A 422 -1.20 -19.66 8.48
CA ARG A 422 -1.08 -18.87 9.72
C ARG A 422 -1.46 -17.40 9.51
N ALA A 423 -1.16 -16.85 8.34
CA ALA A 423 -1.50 -15.46 8.04
C ALA A 423 -3.00 -15.29 7.86
N ILE A 424 -3.58 -15.95 6.86
CA ILE A 424 -5.03 -15.88 6.66
C ILE A 424 -5.78 -16.24 7.96
N SER A 425 -5.23 -17.19 8.72
CA SER A 425 -5.76 -17.59 10.02
C SER A 425 -5.98 -16.41 10.97
N GLU A 426 -5.07 -15.44 10.92
CA GLU A 426 -5.18 -14.25 11.77
C GLU A 426 -6.04 -13.15 11.10
N GLY A 427 -6.99 -13.57 10.27
CA GLY A 427 -7.77 -12.65 9.42
C GLY A 427 -6.95 -11.90 8.37
N GLY A 428 -5.72 -12.36 8.11
CA GLY A 428 -4.84 -11.72 7.15
C GLY A 428 -5.23 -11.88 5.70
N GLU A 429 -4.78 -10.96 4.85
CA GLU A 429 -4.97 -11.02 3.40
C GLU A 429 -3.94 -11.93 2.72
N GLY A 430 -2.86 -12.25 3.44
CA GLY A 430 -1.86 -13.19 2.96
C GLY A 430 -0.45 -12.77 3.34
N VAL A 431 0.47 -12.93 2.38
CA VAL A 431 1.89 -12.76 2.64
C VAL A 431 2.64 -12.04 1.50
N MET A 432 3.83 -11.55 1.82
CA MET A 432 4.71 -10.95 0.84
C MET A 432 5.96 -11.80 0.79
N VAL A 433 6.13 -12.47 -0.34
CA VAL A 433 7.26 -13.38 -0.50
C VAL A 433 8.39 -12.63 -1.18
N LYS A 434 9.56 -12.65 -0.55
CA LYS A 434 10.67 -11.82 -1.01
C LYS A 434 11.95 -12.61 -1.25
N ALA A 435 12.57 -12.36 -2.40
CA ALA A 435 13.84 -12.97 -2.80
C ALA A 435 15.02 -12.57 -1.89
N ILE A 436 16.07 -13.38 -1.87
CA ILE A 436 17.26 -13.11 -1.06
C ILE A 436 18.57 -13.32 -1.85
N GLY A 437 19.63 -12.64 -1.45
CA GLY A 437 20.89 -12.70 -2.18
C GLY A 437 21.29 -11.43 -2.91
N LYS A 438 22.34 -11.54 -3.73
CA LYS A 438 22.90 -10.40 -4.46
C LYS A 438 21.92 -9.71 -5.40
N ASP A 439 20.93 -10.45 -5.90
CA ASP A 439 19.96 -9.88 -6.81
C ASP A 439 18.85 -9.16 -6.06
N ALA A 440 18.64 -9.53 -4.80
CA ALA A 440 17.51 -9.09 -4.00
C ALA A 440 17.58 -7.62 -3.58
N ILE A 441 17.70 -6.71 -4.54
CA ILE A 441 17.95 -5.29 -4.26
C ILE A 441 16.67 -4.49 -4.02
N TYR A 442 16.79 -3.17 -3.95
CA TYR A 442 15.61 -2.38 -3.82
C TYR A 442 15.27 -1.82 -5.18
N GLN A 443 14.30 -2.45 -5.86
CA GLN A 443 13.91 -2.02 -7.20
C GLN A 443 12.91 -0.86 -7.16
N ALA A 444 13.39 0.28 -6.69
CA ALA A 444 12.60 1.52 -6.61
C ALA A 444 11.75 1.75 -7.85
N GLY A 445 10.46 2.01 -7.63
CA GLY A 445 9.53 2.45 -8.67
C GLY A 445 9.14 1.46 -9.74
N ALA A 446 9.40 0.18 -9.52
CA ALA A 446 9.10 -0.81 -10.53
C ALA A 446 8.36 -1.99 -9.94
N ARG A 447 7.63 -2.71 -10.77
CA ARG A 447 6.93 -3.91 -10.35
C ARG A 447 7.68 -5.10 -10.95
N GLY A 448 8.12 -6.01 -10.12
CA GLY A 448 8.87 -7.15 -10.62
C GLY A 448 8.81 -8.33 -9.69
N TRP A 449 9.57 -9.35 -10.02
CA TRP A 449 9.47 -10.61 -9.34
C TRP A 449 10.31 -10.75 -8.09
N LEU A 450 10.93 -9.67 -7.63
CA LEU A 450 11.73 -9.78 -6.42
C LEU A 450 10.86 -9.82 -5.16
N TRP A 451 9.69 -9.18 -5.19
CA TRP A 451 8.65 -9.38 -4.14
C TRP A 451 7.41 -9.92 -4.83
N ILE A 452 6.77 -10.92 -4.25
CA ILE A 452 5.54 -11.48 -4.82
C ILE A 452 4.47 -11.67 -3.76
N LYS A 453 3.29 -11.06 -3.94
CA LYS A 453 2.21 -11.26 -2.97
C LYS A 453 1.47 -12.57 -3.19
N LEU A 454 1.13 -13.22 -2.08
CA LEU A 454 0.31 -14.42 -2.05
C LEU A 454 -0.94 -14.10 -1.26
N LYS A 455 -2.07 -13.97 -1.96
CA LYS A 455 -3.28 -13.45 -1.34
C LYS A 455 -4.41 -14.46 -1.26
N ARG A 456 -5.46 -14.07 -0.51
CA ARG A 456 -6.70 -14.84 -0.36
C ARG A 456 -7.13 -15.54 -1.65
N ASP A 457 -6.76 -14.95 -2.78
CA ASP A 457 -6.87 -15.52 -4.14
C ASP A 457 -6.70 -17.05 -4.25
N TYR A 458 -5.99 -17.66 -3.29
CA TYR A 458 -6.00 -19.12 -3.11
C TYR A 458 -7.42 -19.71 -3.21
N GLN A 459 -8.43 -18.83 -3.16
CA GLN A 459 -9.83 -19.16 -3.47
C GLN A 459 -9.93 -19.85 -4.83
N SER A 460 -9.38 -19.18 -5.84
CA SER A 460 -9.13 -19.81 -7.14
C SER A 460 -7.85 -20.65 -7.07
N GLU A 461 -8.00 -21.78 -6.39
CA GLU A 461 -7.02 -22.87 -6.27
C GLU A 461 -7.77 -23.97 -5.52
N MET A 462 -7.07 -25.05 -5.18
CA MET A 462 -7.68 -26.15 -4.44
C MET A 462 -7.91 -25.77 -2.97
N ALA A 463 -9.14 -25.36 -2.64
CA ALA A 463 -9.53 -24.97 -1.27
C ALA A 463 -11.02 -25.21 -0.94
N ASP A 464 -11.27 -25.83 0.21
CA ASP A 464 -12.62 -25.95 0.76
C ASP A 464 -12.60 -25.98 2.30
N THR A 465 -13.42 -25.13 2.92
CA THR A 465 -13.33 -24.88 4.36
C THR A 465 -14.54 -25.40 5.15
N VAL A 466 -14.23 -26.11 6.23
CA VAL A 466 -15.25 -26.82 7.02
C VAL A 466 -15.04 -26.66 8.52
N ASP A 467 -16.10 -26.94 9.28
CA ASP A 467 -16.09 -26.93 10.74
C ASP A 467 -16.22 -28.36 11.29
N LEU A 468 -15.17 -28.84 11.94
CA LEU A 468 -15.18 -30.22 12.46
C LEU A 468 -15.08 -30.30 13.99
N VAL A 469 -15.54 -31.43 14.55
CA VAL A 469 -15.49 -31.67 15.99
C VAL A 469 -14.30 -32.56 16.37
N VAL A 470 -13.56 -32.16 17.41
CA VAL A 470 -12.40 -32.93 17.85
C VAL A 470 -12.89 -34.12 18.64
N VAL A 471 -12.60 -35.32 18.16
CA VAL A 471 -13.03 -36.53 18.87
C VAL A 471 -11.87 -37.27 19.57
N GLY A 472 -10.63 -36.89 19.27
CA GLY A 472 -9.48 -37.52 19.95
C GLY A 472 -8.13 -36.98 19.51
N GLY A 473 -7.05 -37.59 20.00
CA GLY A 473 -5.70 -37.18 19.66
C GLY A 473 -4.65 -38.28 19.56
N PHE A 474 -3.58 -37.97 18.83
CA PHE A 474 -2.40 -38.83 18.71
C PHE A 474 -1.19 -38.12 19.32
N TYR A 475 -0.33 -38.88 19.97
CA TYR A 475 0.95 -38.35 20.41
C TYR A 475 1.91 -38.25 19.21
N GLY A 476 2.97 -37.46 19.37
CA GLY A 476 3.91 -37.20 18.26
C GLY A 476 4.77 -38.37 17.85
N LYS A 477 5.98 -38.06 17.41
CA LYS A 477 6.96 -39.08 17.02
C LYS A 477 8.36 -38.57 17.29
N GLY A 478 9.22 -39.45 17.81
CA GLY A 478 10.62 -39.15 18.03
C GLY A 478 10.92 -38.10 19.09
N LYS A 479 12.06 -37.43 18.91
CA LYS A 479 12.64 -36.47 19.88
C LYS A 479 11.72 -35.37 20.44
N ARG A 480 10.62 -35.10 19.75
CA ARG A 480 9.62 -34.12 20.22
C ARG A 480 8.21 -34.72 20.31
N GLY A 481 8.15 -36.03 20.50
CA GLY A 481 6.90 -36.78 20.48
C GLY A 481 6.26 -37.00 21.85
N GLY A 482 6.53 -36.02 22.76
CA GLY A 482 5.89 -36.03 24.08
C GLY A 482 4.45 -35.49 23.98
N LYS A 483 4.34 -34.46 23.07
CA LYS A 483 3.09 -33.72 22.93
C LYS A 483 2.03 -34.49 22.14
N ILE A 484 0.77 -34.18 22.41
CA ILE A 484 -0.33 -34.46 21.50
C ILE A 484 -0.16 -33.42 20.38
N SER A 485 0.02 -33.91 19.17
CA SER A 485 0.36 -33.06 18.05
C SER A 485 -0.45 -33.45 16.83
N SER A 486 -1.59 -34.11 17.09
CA SER A 486 -2.41 -34.69 16.05
C SER A 486 -3.82 -34.99 16.55
N LEU A 487 -4.82 -34.46 15.85
CA LEU A 487 -6.21 -34.53 16.29
C LEU A 487 -7.10 -35.26 15.31
N LEU A 488 -8.01 -36.08 15.84
CA LEU A 488 -9.00 -36.75 15.02
C LEU A 488 -10.24 -35.88 14.95
N MET A 489 -10.52 -35.40 13.74
CA MET A 489 -11.62 -34.48 13.49
C MET A 489 -12.81 -35.21 12.90
N ALA A 490 -14.01 -34.81 13.29
CA ALA A 490 -15.20 -35.50 12.83
C ALA A 490 -16.29 -34.52 12.39
N ALA A 491 -17.26 -35.01 11.63
CA ALA A 491 -18.35 -34.21 11.11
C ALA A 491 -19.67 -34.68 11.70
N TYR A 492 -20.67 -33.80 11.71
CA TYR A 492 -21.93 -34.16 12.32
C TYR A 492 -22.92 -34.89 11.38
N ASN A 493 -23.57 -35.90 11.95
CA ASN A 493 -24.60 -36.67 11.25
C ASN A 493 -25.93 -36.55 11.96
N PRO A 494 -26.80 -35.64 11.47
CA PRO A 494 -28.05 -35.29 12.13
C PRO A 494 -29.00 -36.46 12.25
N LYS A 495 -28.97 -37.37 11.27
CA LYS A 495 -29.84 -38.54 11.27
C LYS A 495 -29.51 -39.48 12.42
N THR A 496 -28.21 -39.64 12.71
CA THR A 496 -27.79 -40.62 13.72
C THR A 496 -27.30 -39.98 15.01
N ASP A 497 -27.29 -38.64 15.06
CA ASP A 497 -26.77 -37.88 16.19
C ASP A 497 -25.41 -38.45 16.60
N SER A 498 -24.56 -38.65 15.60
CA SER A 498 -23.25 -39.21 15.82
C SER A 498 -22.22 -38.31 15.20
N PHE A 499 -20.95 -38.58 15.51
CA PHE A 499 -19.86 -37.89 14.88
C PHE A 499 -19.02 -38.93 14.17
N GLU A 500 -18.70 -38.63 12.91
CA GLU A 500 -18.01 -39.56 12.05
C GLU A 500 -16.75 -38.90 11.57
N SER A 501 -15.63 -39.57 11.77
CA SER A 501 -14.31 -39.03 11.46
C SER A 501 -14.14 -38.72 9.97
N VAL A 502 -13.36 -37.68 9.67
CA VAL A 502 -13.09 -37.29 8.29
C VAL A 502 -11.61 -37.15 8.02
N CYS A 503 -10.85 -36.72 9.03
CA CYS A 503 -9.41 -36.50 8.88
C CYS A 503 -8.65 -36.51 10.19
N LYS A 504 -7.39 -36.89 10.08
CA LYS A 504 -6.42 -36.79 11.16
C LYS A 504 -5.71 -35.49 10.85
N VAL A 505 -5.61 -34.58 11.82
CA VAL A 505 -4.94 -33.30 11.55
C VAL A 505 -3.65 -33.09 12.35
N ALA A 506 -2.58 -32.76 11.64
CA ALA A 506 -1.25 -32.56 12.22
C ALA A 506 -0.74 -31.11 12.15
N SER A 507 -1.08 -30.37 11.09
CA SER A 507 -0.47 -29.04 10.88
C SER A 507 -1.43 -27.85 10.87
N GLY A 508 -0.90 -26.71 11.32
CA GLY A 508 -1.66 -25.45 11.40
C GLY A 508 -1.57 -24.81 12.77
N PHE A 509 -1.10 -25.58 13.74
CA PHE A 509 -0.98 -25.11 15.13
C PHE A 509 0.31 -24.34 15.30
N SER A 510 0.19 -23.16 15.91
CA SER A 510 1.35 -22.44 16.42
C SER A 510 1.84 -23.20 17.65
N ASP A 511 3.16 -23.21 17.86
CA ASP A 511 3.74 -23.89 19.02
C ASP A 511 2.96 -23.59 20.29
N GLU A 512 2.64 -22.32 20.50
CA GLU A 512 1.83 -21.90 21.64
C GLU A 512 0.52 -22.70 21.73
N GLN A 513 -0.27 -22.70 20.65
CA GLN A 513 -1.54 -23.45 20.60
C GLN A 513 -1.37 -24.96 20.77
N LEU A 514 -0.23 -25.47 20.30
CA LEU A 514 0.19 -26.86 20.44
C LEU A 514 0.20 -27.32 21.90
N ASP A 515 0.58 -26.41 22.80
CA ASP A 515 0.66 -26.69 24.24
C ASP A 515 -0.64 -26.46 25.00
N GLU A 516 -1.34 -25.37 24.67
CA GLU A 516 -2.66 -25.11 25.23
C GLU A 516 -3.56 -26.31 25.01
N LEU A 517 -3.18 -27.14 24.04
CA LEU A 517 -3.95 -28.31 23.64
C LEU A 517 -3.99 -29.39 24.70
N GLN A 518 -2.81 -29.75 25.22
CA GLN A 518 -2.71 -30.85 26.18
C GLN A 518 -3.71 -30.71 27.31
N LYS A 519 -3.59 -29.62 28.06
CA LYS A 519 -4.48 -29.35 29.18
C LYS A 519 -5.94 -29.21 28.73
N LYS A 520 -6.15 -28.70 27.52
CA LYS A 520 -7.50 -28.53 26.99
C LYS A 520 -8.12 -29.88 26.68
N LEU A 521 -7.32 -30.77 26.10
CA LEU A 521 -7.76 -32.10 25.73
C LEU A 521 -7.81 -33.05 26.92
N MET A 522 -6.77 -33.03 27.76
CA MET A 522 -6.72 -33.89 28.93
C MET A 522 -7.93 -33.67 29.85
N GLU A 523 -8.40 -32.42 29.92
CA GLU A 523 -9.52 -32.07 30.78
C GLU A 523 -10.81 -32.80 30.43
N ILE A 524 -10.88 -33.28 29.17
CA ILE A 524 -12.04 -34.00 28.67
C ILE A 524 -11.67 -35.39 28.13
N LYS A 525 -10.54 -35.93 28.59
CA LYS A 525 -10.13 -37.28 28.25
C LYS A 525 -11.15 -38.31 28.76
N ARG A 526 -11.46 -39.31 27.95
CA ARG A 526 -12.22 -40.47 28.44
C ARG A 526 -11.57 -41.82 28.08
N ASP A 527 -11.71 -42.80 28.98
CA ASP A 527 -11.08 -44.13 28.85
C ASP A 527 -11.53 -44.96 27.64
N VAL A 528 -12.73 -44.69 27.13
CA VAL A 528 -13.25 -45.32 25.91
C VAL A 528 -13.96 -44.34 24.99
N LYS A 529 -13.95 -44.62 23.70
CA LYS A 529 -14.65 -43.83 22.70
C LYS A 529 -16.03 -43.45 23.19
N HIS A 530 -16.36 -42.17 23.05
CA HIS A 530 -17.72 -41.68 23.37
C HIS A 530 -18.76 -42.30 22.41
N PRO A 531 -19.91 -42.75 22.96
CA PRO A 531 -20.96 -43.43 22.18
C PRO A 531 -21.51 -42.66 20.98
N ARG A 532 -21.28 -41.35 20.93
CA ARG A 532 -21.75 -40.51 19.81
C ARG A 532 -20.67 -40.28 18.75
N VAL A 533 -19.49 -40.83 18.97
CA VAL A 533 -18.44 -40.74 17.96
C VAL A 533 -18.17 -42.13 17.43
N ASN A 534 -18.06 -42.23 16.12
CA ASN A 534 -17.66 -43.49 15.54
C ASN A 534 -16.54 -43.22 14.54
N SER A 535 -15.46 -43.98 14.70
CA SER A 535 -14.29 -43.88 13.85
C SER A 535 -13.62 -45.23 13.75
N LYS A 536 -13.23 -45.61 12.53
CA LYS A 536 -12.49 -46.85 12.33
C LYS A 536 -11.03 -46.67 12.71
N MET A 537 -10.66 -45.42 12.96
CA MET A 537 -9.31 -45.03 13.31
C MET A 537 -9.19 -44.95 14.82
N GLU A 538 -8.17 -45.58 15.38
CA GLU A 538 -7.95 -45.56 16.83
C GLU A 538 -6.85 -44.57 17.18
N PRO A 539 -7.25 -43.39 17.70
CA PRO A 539 -6.24 -42.46 18.18
C PRO A 539 -5.73 -42.89 19.55
N ASP A 540 -4.64 -42.27 19.98
CA ASP A 540 -4.00 -42.62 21.23
C ASP A 540 -4.90 -42.33 22.43
N ILE A 541 -5.56 -41.17 22.43
CA ILE A 541 -6.59 -40.89 23.43
C ILE A 541 -7.95 -40.55 22.81
N TRP A 542 -9.00 -41.07 23.44
CA TRP A 542 -10.36 -40.69 23.10
C TRP A 542 -10.76 -39.50 23.94
N VAL A 543 -11.64 -38.68 23.38
CA VAL A 543 -12.05 -37.42 24.00
C VAL A 543 -13.58 -37.20 23.89
N GLU A 544 -14.13 -36.34 24.74
CA GLU A 544 -15.54 -35.93 24.62
C GLU A 544 -15.75 -35.01 23.41
N PRO A 545 -16.78 -35.29 22.58
CA PRO A 545 -17.08 -34.43 21.43
C PRO A 545 -17.60 -33.06 21.90
N VAL A 546 -16.73 -32.05 21.91
CA VAL A 546 -17.02 -30.75 22.52
C VAL A 546 -16.46 -29.56 21.72
N TYR A 547 -15.20 -29.66 21.28
CA TYR A 547 -14.53 -28.53 20.65
C TYR A 547 -14.66 -28.56 19.14
N VAL A 548 -14.85 -27.37 18.56
CA VAL A 548 -14.99 -27.25 17.10
C VAL A 548 -13.81 -26.47 16.50
N ALA A 549 -13.22 -27.03 15.45
CA ALA A 549 -12.11 -26.37 14.76
C ALA A 549 -12.38 -26.18 13.29
N GLU A 550 -12.02 -25.01 12.77
CA GLU A 550 -12.13 -24.73 11.34
C GLU A 550 -10.98 -25.40 10.60
N ILE A 551 -11.35 -26.34 9.72
CA ILE A 551 -10.38 -27.06 8.91
C ILE A 551 -10.46 -26.60 7.46
N ILE A 552 -9.31 -26.50 6.79
CA ILE A 552 -9.29 -26.28 5.35
C ILE A 552 -8.54 -27.42 4.67
N GLY A 553 -9.05 -27.84 3.51
CA GLY A 553 -8.41 -28.91 2.72
C GLY A 553 -8.42 -28.59 1.23
N SER A 554 -7.97 -29.54 0.41
CA SER A 554 -7.88 -29.33 -1.03
C SER A 554 -9.13 -29.82 -1.76
N GLU A 555 -9.47 -31.08 -1.50
CA GLU A 555 -10.62 -31.73 -2.10
C GLU A 555 -11.14 -32.73 -1.09
N ILE A 556 -12.29 -33.33 -1.39
CA ILE A 556 -12.80 -34.44 -0.60
C ILE A 556 -12.54 -35.72 -1.38
N THR A 557 -11.87 -36.67 -0.71
CA THR A 557 -11.52 -37.95 -1.34
C THR A 557 -12.09 -39.14 -0.58
N ILE A 558 -12.12 -40.29 -1.27
CA ILE A 558 -12.58 -41.56 -0.73
C ILE A 558 -11.50 -42.21 0.15
N SER A 559 -11.91 -42.76 1.30
CA SER A 559 -10.95 -43.33 2.26
C SER A 559 -11.55 -44.52 3.02
N PRO A 560 -10.85 -45.68 3.01
CA PRO A 560 -11.30 -46.83 3.78
C PRO A 560 -11.19 -46.59 5.30
N LEU A 561 -10.31 -45.66 5.69
CA LEU A 561 -9.98 -45.43 7.09
C LEU A 561 -11.05 -44.65 7.87
N HIS A 562 -11.77 -43.77 7.18
CA HIS A 562 -12.77 -42.92 7.82
C HIS A 562 -14.22 -43.35 7.54
N THR A 563 -15.15 -42.86 8.36
CA THR A 563 -16.53 -43.37 8.37
C THR A 563 -17.58 -42.42 7.82
N CYS A 564 -17.27 -41.13 7.80
CA CYS A 564 -18.20 -40.12 7.29
C CYS A 564 -18.70 -40.47 5.89
N CYS A 565 -20.03 -40.43 5.70
CA CYS A 565 -20.67 -40.81 4.44
C CYS A 565 -20.37 -42.25 4.01
N GLN A 566 -20.31 -43.13 5.01
CA GLN A 566 -20.08 -44.54 4.83
C GLN A 566 -20.87 -45.11 3.65
N ASP A 567 -20.14 -45.73 2.72
CA ASP A 567 -20.73 -46.53 1.65
C ASP A 567 -21.58 -45.78 0.61
N VAL A 568 -21.79 -44.47 0.80
CA VAL A 568 -22.67 -43.71 -0.07
C VAL A 568 -22.11 -43.54 -1.48
N VAL A 569 -20.84 -43.19 -1.60
CA VAL A 569 -20.17 -43.08 -2.90
C VAL A 569 -19.43 -44.37 -3.28
N GLU A 570 -18.66 -44.92 -2.33
CA GLU A 570 -17.95 -46.18 -2.55
C GLU A 570 -18.03 -47.12 -1.34
N LYS A 571 -18.26 -48.40 -1.62
CA LYS A 571 -18.48 -49.43 -0.59
C LYS A 571 -17.22 -49.75 0.22
N ASP A 572 -17.40 -49.95 1.53
CA ASP A 572 -16.31 -50.22 2.49
C ASP A 572 -15.35 -49.03 2.71
N ALA A 573 -15.86 -47.81 2.51
CA ALA A 573 -15.05 -46.61 2.61
C ALA A 573 -15.89 -45.35 2.85
N GLY A 574 -15.31 -44.38 3.56
CA GLY A 574 -15.98 -43.10 3.83
C GLY A 574 -15.29 -41.91 3.18
N LEU A 575 -15.91 -40.73 3.31
CA LEU A 575 -15.32 -39.51 2.77
C LEU A 575 -14.25 -38.91 3.68
N SER A 576 -13.34 -38.15 3.08
CA SER A 576 -12.19 -37.62 3.79
C SER A 576 -11.74 -36.28 3.24
N ILE A 577 -11.16 -35.46 4.11
CA ILE A 577 -10.58 -34.18 3.72
C ILE A 577 -9.09 -34.36 3.44
N ARG A 578 -8.70 -34.06 2.20
CA ARG A 578 -7.34 -34.22 1.73
C ARG A 578 -6.50 -32.99 2.09
N PHE A 579 -5.31 -33.23 2.61
CA PHE A 579 -4.36 -32.18 3.03
C PHE A 579 -4.98 -31.18 4.01
N PRO A 580 -5.55 -31.67 5.12
CA PRO A 580 -6.23 -30.76 6.04
C PRO A 580 -5.25 -29.87 6.81
N ARG A 581 -5.66 -28.63 7.06
CA ARG A 581 -4.87 -27.73 7.87
C ARG A 581 -5.77 -27.07 8.90
N PHE A 582 -5.42 -27.24 10.17
CA PHE A 582 -6.05 -26.51 11.27
C PHE A 582 -5.87 -25.01 11.02
N ILE A 583 -6.96 -24.27 11.19
CA ILE A 583 -6.97 -22.84 10.94
C ILE A 583 -7.23 -22.07 12.20
N ARG A 584 -8.33 -22.39 12.88
CA ARG A 584 -8.85 -21.55 13.94
C ARG A 584 -9.43 -22.45 15.02
N TRP A 585 -10.02 -21.85 16.05
CA TRP A 585 -10.99 -22.55 16.91
C TRP A 585 -12.35 -21.90 16.73
N ARG A 586 -13.40 -22.63 17.11
CA ARG A 586 -14.74 -22.09 17.06
C ARG A 586 -15.45 -22.19 18.41
N ASP A 587 -15.31 -21.13 19.19
CA ASP A 587 -16.00 -20.98 20.46
C ASP A 587 -17.46 -20.64 20.22
N ASP A 588 -17.74 -20.09 19.04
CA ASP A 588 -19.10 -19.70 18.68
C ASP A 588 -19.86 -20.81 17.96
N LYS A 589 -19.28 -22.01 17.95
CA LYS A 589 -19.93 -23.18 17.35
C LYS A 589 -19.98 -24.35 18.32
N SER A 590 -21.18 -24.88 18.55
CA SER A 590 -21.36 -26.10 19.34
C SER A 590 -21.04 -27.34 18.48
N PRO A 591 -20.94 -28.54 19.08
CA PRO A 591 -20.61 -29.69 18.23
C PRO A 591 -21.70 -30.01 17.20
N GLU A 592 -22.97 -29.82 17.57
CA GLU A 592 -24.10 -30.10 16.70
C GLU A 592 -24.20 -29.08 15.55
N ASP A 593 -23.58 -27.93 15.78
CA ASP A 593 -23.48 -26.84 14.80
C ASP A 593 -22.40 -27.09 13.74
N ALA A 594 -21.76 -28.27 13.78
CA ALA A 594 -20.65 -28.57 12.88
C ALA A 594 -21.11 -28.80 11.45
N THR A 595 -20.14 -28.89 10.53
CA THR A 595 -20.42 -29.29 9.16
C THR A 595 -20.99 -30.71 9.16
N THR A 596 -22.05 -30.89 8.38
CA THR A 596 -22.74 -32.17 8.34
C THR A 596 -22.12 -33.11 7.31
N THR A 597 -22.42 -34.39 7.47
CA THR A 597 -22.09 -35.44 6.51
C THR A 597 -22.81 -35.22 5.17
N ASP A 598 -24.04 -34.71 5.21
CA ASP A 598 -24.74 -34.35 3.97
C ASP A 598 -24.02 -33.22 3.23
N GLU A 599 -23.55 -32.23 3.99
CA GLU A 599 -22.79 -31.11 3.43
C GLU A 599 -21.48 -31.57 2.77
N ILE A 600 -20.79 -32.50 3.43
CA ILE A 600 -19.56 -33.10 2.89
C ILE A 600 -19.85 -33.83 1.58
N LEU A 601 -21.04 -34.41 1.49
CA LEU A 601 -21.47 -35.11 0.28
C LEU A 601 -21.79 -34.13 -0.84
N GLU A 602 -22.55 -33.07 -0.52
CA GLU A 602 -22.91 -32.04 -1.50
C GLU A 602 -21.67 -31.34 -2.03
N MET A 603 -20.66 -31.20 -1.18
CA MET A 603 -19.35 -30.66 -1.57
C MET A 603 -18.61 -31.63 -2.49
N TYR A 604 -18.60 -32.91 -2.11
CA TYR A 604 -17.98 -33.93 -2.94
C TYR A 604 -18.63 -34.00 -4.33
N ASN A 605 -19.95 -34.11 -4.34
CA ASN A 605 -20.73 -34.32 -5.56
C ASN A 605 -20.62 -33.22 -6.61
N LYS A 606 -20.06 -32.07 -6.23
CA LYS A 606 -19.95 -30.95 -7.15
C LYS A 606 -18.53 -30.74 -7.71
N GLN A 607 -17.58 -31.54 -7.25
CA GLN A 607 -16.23 -31.58 -7.81
C GLN A 607 -16.25 -32.24 -9.19
N PRO A 608 -15.48 -31.69 -10.15
CA PRO A 608 -15.37 -32.32 -11.48
C PRO A 608 -15.17 -33.84 -11.38
N LYS A 609 -15.75 -34.56 -12.33
CA LYS A 609 -15.74 -36.03 -12.30
C LYS A 609 -14.34 -36.63 -12.50
N LYS A 610 -13.59 -36.10 -13.46
CA LYS A 610 -12.25 -36.59 -13.81
C LYS A 610 -11.14 -35.93 -12.86
#